data_4WRH
#
_entry.id   4WRH
#
_cell.length_a   56.509
_cell.length_b   63.503
_cell.length_c   95.567
_cell.angle_alpha   90.00
_cell.angle_beta   90.00
_cell.angle_gamma   90.00
#
_symmetry.space_group_name_H-M   'P 21 21 21'
#
loop_
_entity.id
_entity.type
_entity.pdbx_description
1 polymer 'Aldo-keto reductase family 1 member C3'
2 non-polymer 'NADP NICOTINAMIDE-ADENINE-DINUCLEOTIDE PHOSPHATE'
3 non-polymer 2-[4-(aminomethyl)-2-chloro-6-methoxyphenoxy]-N-tert-butylacetamide
4 non-polymer 5-methyl-4H-1,2,4-triazole-3-thiol
5 non-polymer 1,2-ETHANEDIOL
6 water water
#
_entity_poly.entity_id   1
_entity_poly.type   'polypeptide(L)'
_entity_poly.pdbx_seq_one_letter_code
;MDSKHQCVKLNDGHFMPVLGFGTYAPPEVPRSKALEVTKLAIEAGFRHIDSAHLYNNEEQVGLAIRSKIADGSVKREDIF
YTSKLWSTFHRPELVRPALENSLKKAQLDYVDLYLIHSPMSLKPGEELSPTDENGKVIFDIVDLCTTWEAMEKCKDAGLA
KSIGVSNFNRRQLEMILNKPGLKYKPVCNQVECHPYFNRSKLLDFCKSKDIVLVAYSALGSQRDKRWVDPNSPVLLEDPV
LCALAKKHKRTPALIALRYQLQRGVVVLAKSYNEQRIRQNVQVFEFQLTAEDMKAIDGLDRNLHYFNSDSFASHPNYPYS
DEYLEHHHHHH
;
_entity_poly.pdbx_strand_id   A
#
# COMPACT_ATOMS: atom_id res chain seq x y z
N GLN A 6 2.39 4.15 18.39
CA GLN A 6 2.97 3.73 17.10
C GLN A 6 1.97 3.94 15.93
N CYS A 7 1.12 4.95 16.05
CA CYS A 7 0.14 5.30 15.03
C CYS A 7 0.28 6.76 14.67
N VAL A 8 -0.20 7.11 13.48
CA VAL A 8 -0.34 8.50 13.06
C VAL A 8 -1.83 8.84 12.99
N LYS A 9 -2.17 10.07 13.31
CA LYS A 9 -3.55 10.52 13.21
C LYS A 9 -3.84 10.97 11.78
N LEU A 10 -4.87 10.35 11.19
CA LEU A 10 -5.29 10.69 9.85
C LEU A 10 -6.13 11.95 9.84
N ASN A 11 -6.28 12.55 8.67
CA ASN A 11 -6.99 13.81 8.55
C ASN A 11 -8.50 13.74 8.80
N ASP A 12 -9.03 12.53 8.98
CA ASP A 12 -10.43 12.33 9.37
C ASP A 12 -10.58 11.92 10.84
N GLY A 13 -9.48 11.96 11.60
CA GLY A 13 -9.53 11.67 13.03
C GLY A 13 -9.27 10.23 13.43
N HIS A 14 -9.24 9.31 12.47
CA HIS A 14 -8.88 7.91 12.74
C HIS A 14 -7.36 7.78 12.83
N PHE A 15 -6.90 6.66 13.39
CA PHE A 15 -5.48 6.43 13.63
C PHE A 15 -4.95 5.23 12.84
N MET A 16 -3.78 5.38 12.22
CA MET A 16 -3.22 4.36 11.37
C MET A 16 -1.87 3.94 11.96
N PRO A 17 -1.67 2.63 12.25
CA PRO A 17 -0.35 2.20 12.71
C PRO A 17 0.70 2.45 11.65
N VAL A 18 1.87 2.93 12.08
CA VAL A 18 2.89 3.37 11.12
C VAL A 18 3.68 2.24 10.43
N LEU A 19 3.58 1.02 10.95
CA LEU A 19 4.18 -0.14 10.32
C LEU A 19 3.07 -1.08 9.92
N GLY A 20 3.03 -1.43 8.64
CA GLY A 20 2.00 -2.31 8.11
C GLY A 20 2.58 -3.58 7.51
N PHE A 21 1.81 -4.64 7.59
CA PHE A 21 2.20 -5.92 7.03
C PHE A 21 1.65 -6.06 5.62
N GLY A 22 2.55 -6.28 4.66
CA GLY A 22 2.16 -6.52 3.27
C GLY A 22 1.81 -7.98 3.04
N THR A 23 0.61 -8.24 2.49
CA THR A 23 0.10 -9.60 2.38
C THR A 23 0.16 -10.20 0.98
N TYR A 24 0.57 -9.44 -0.03
CA TYR A 24 0.61 -10.01 -1.37
C TYR A 24 1.74 -11.01 -1.52
N ALA A 25 1.43 -12.17 -2.09
CA ALA A 25 2.44 -13.11 -2.54
C ALA A 25 2.01 -13.62 -3.91
N PRO A 26 2.97 -13.94 -4.79
CA PRO A 26 2.61 -14.38 -6.14
C PRO A 26 1.84 -15.70 -6.17
N PRO A 27 1.15 -15.99 -7.29
CA PRO A 27 0.28 -17.16 -7.47
C PRO A 27 0.91 -18.49 -7.10
N GLU A 28 2.22 -18.64 -7.33
CA GLU A 28 2.93 -19.88 -7.02
C GLU A 28 3.01 -20.19 -5.51
N VAL A 29 2.77 -19.18 -4.67
CA VAL A 29 2.64 -19.38 -3.23
C VAL A 29 1.18 -19.77 -2.94
N PRO A 30 0.96 -20.92 -2.28
CA PRO A 30 -0.41 -21.33 -1.94
C PRO A 30 -1.19 -20.24 -1.19
N ARG A 31 -2.48 -20.11 -1.49
CA ARG A 31 -3.35 -19.15 -0.80
C ARG A 31 -3.26 -19.36 0.70
N SER A 32 -3.25 -20.64 1.07
CA SER A 32 -3.03 -21.15 2.43
C SER A 32 -2.02 -20.35 3.27
N LYS A 33 -0.88 -20.01 2.68
CA LYS A 33 0.19 -19.37 3.44
C LYS A 33 -0.20 -17.99 3.98
N ALA A 34 -1.10 -17.29 3.28
CA ALA A 34 -1.48 -15.93 3.73
C ALA A 34 -2.10 -15.98 5.14
N LEU A 35 -2.87 -17.04 5.39
CA LEU A 35 -3.45 -17.26 6.72
C LEU A 35 -2.36 -17.40 7.78
N GLU A 36 -1.44 -18.33 7.56
CA GLU A 36 -0.35 -18.60 8.51
C GLU A 36 0.47 -17.35 8.81
N VAL A 37 0.90 -16.67 7.76
CA VAL A 37 1.82 -15.55 7.92
C VAL A 37 1.14 -14.31 8.51
N THR A 38 -0.14 -14.09 8.21
CA THR A 38 -0.84 -12.95 8.77
C THR A 38 -1.02 -13.16 10.28
N LYS A 39 -1.27 -14.40 10.68
CA LYS A 39 -1.32 -14.74 12.10
C LYS A 39 0.03 -14.48 12.78
N LEU A 40 1.12 -14.90 12.13
CA LEU A 40 2.46 -14.64 12.66
C LEU A 40 2.75 -13.15 12.75
N ALA A 41 2.29 -12.38 11.76
CA ALA A 41 2.51 -10.94 11.75
C ALA A 41 1.82 -10.32 12.97
N ILE A 42 0.57 -10.71 13.21
CA ILE A 42 -0.16 -10.17 14.36
C ILE A 42 0.53 -10.59 15.66
N GLU A 43 0.93 -11.85 15.74
CA GLU A 43 1.69 -12.34 16.88
C GLU A 43 2.96 -11.53 17.15
N ALA A 44 3.68 -11.17 16.08
CA ALA A 44 4.91 -10.41 16.21
C ALA A 44 4.70 -8.93 16.59
N GLY A 45 3.47 -8.43 16.43
CA GLY A 45 3.15 -7.06 16.81
C GLY A 45 2.61 -6.16 15.72
N PHE A 46 2.52 -6.65 14.47
CA PHE A 46 1.89 -5.88 13.39
C PHE A 46 0.43 -5.67 13.72
N ARG A 47 -0.05 -4.44 13.55
CA ARG A 47 -1.45 -4.14 13.76
C ARG A 47 -2.12 -3.53 12.53
N HIS A 48 -1.35 -3.28 11.49
CA HIS A 48 -1.83 -2.70 10.23
C HIS A 48 -1.57 -3.80 9.20
N ILE A 49 -2.62 -4.17 8.46
CA ILE A 49 -2.58 -5.29 7.53
C ILE A 49 -3.09 -4.82 6.19
N ASP A 50 -2.28 -4.93 5.15
CA ASP A 50 -2.59 -4.37 3.84
C ASP A 50 -2.97 -5.48 2.85
N SER A 51 -4.21 -5.46 2.38
CA SER A 51 -4.68 -6.39 1.37
C SER A 51 -5.34 -5.63 0.22
N ALA A 52 -6.06 -6.36 -0.63
CA ALA A 52 -6.69 -5.80 -1.82
C ALA A 52 -7.48 -6.91 -2.53
N HIS A 53 -8.51 -6.53 -3.27
CA HIS A 53 -9.24 -7.47 -4.11
C HIS A 53 -8.26 -8.22 -5.03
N LEU A 54 -7.33 -7.47 -5.59
CA LEU A 54 -6.38 -7.99 -6.56
C LEU A 54 -5.58 -9.17 -6.01
N TYR A 55 -5.33 -9.17 -4.71
CA TYR A 55 -4.40 -10.17 -4.14
C TYR A 55 -4.99 -11.56 -4.00
N ASN A 56 -6.31 -11.69 -4.16
CA ASN A 56 -6.97 -12.99 -4.07
C ASN A 56 -6.63 -13.68 -2.75
N ASN A 57 -6.55 -12.90 -1.67
CA ASN A 57 -6.19 -13.45 -0.37
C ASN A 57 -7.05 -12.92 0.79
N GLU A 58 -8.12 -12.20 0.49
CA GLU A 58 -8.89 -11.54 1.56
C GLU A 58 -9.57 -12.54 2.50
N GLU A 59 -9.98 -13.70 1.99
CA GLU A 59 -10.53 -14.74 2.86
C GLU A 59 -9.53 -15.20 3.91
N GLN A 60 -8.30 -15.39 3.45
CA GLN A 60 -7.22 -15.91 4.29
CA GLN A 60 -7.25 -15.91 4.32
C GLN A 60 -6.80 -14.85 5.31
N VAL A 61 -6.66 -13.61 4.84
CA VAL A 61 -6.23 -12.52 5.70
C VAL A 61 -7.33 -12.20 6.72
N GLY A 62 -8.58 -12.19 6.27
CA GLY A 62 -9.71 -11.99 7.18
C GLY A 62 -9.81 -13.10 8.21
N LEU A 63 -9.59 -14.35 7.79
CA LEU A 63 -9.62 -15.46 8.74
C LEU A 63 -8.53 -15.33 9.80
N ALA A 64 -7.33 -14.92 9.38
CA ALA A 64 -6.23 -14.71 10.32
C ALA A 64 -6.64 -13.65 11.36
N ILE A 65 -7.24 -12.56 10.91
CA ILE A 65 -7.67 -11.49 11.81
C ILE A 65 -8.71 -12.02 12.79
N ARG A 66 -9.73 -12.71 12.26
CA ARG A 66 -10.81 -13.22 13.11
CA ARG A 66 -10.81 -13.23 13.11
C ARG A 66 -10.30 -14.26 14.11
N SER A 67 -9.31 -15.07 13.70
CA SER A 67 -8.70 -16.06 14.60
C SER A 67 -7.98 -15.42 15.78
N LYS A 68 -7.26 -14.33 15.53
CA LYS A 68 -6.52 -13.63 16.59
C LYS A 68 -7.46 -12.81 17.48
N ILE A 69 -8.65 -12.47 16.96
CA ILE A 69 -9.70 -11.92 17.79
C ILE A 69 -10.29 -13.04 18.65
N ALA A 70 -10.57 -14.17 18.01
CA ALA A 70 -11.24 -15.30 18.68
C ALA A 70 -10.42 -15.90 19.83
N ASP A 71 -9.10 -15.95 19.70
CA ASP A 71 -8.25 -16.47 20.77
C ASP A 71 -7.84 -15.39 21.79
N GLY A 72 -8.40 -14.19 21.66
CA GLY A 72 -8.16 -13.11 22.62
C GLY A 72 -6.86 -12.33 22.50
N SER A 73 -6.12 -12.49 21.40
CA SER A 73 -4.85 -11.78 21.23
C SER A 73 -5.05 -10.29 20.95
N VAL A 74 -6.09 -9.98 20.18
CA VAL A 74 -6.41 -8.60 19.80
C VAL A 74 -7.92 -8.42 19.74
N LYS A 75 -8.37 -7.18 19.80
CA LYS A 75 -9.75 -6.84 19.50
C LYS A 75 -9.78 -6.26 18.10
N ARG A 76 -10.96 -6.24 17.50
CA ARG A 76 -11.12 -5.68 16.15
C ARG A 76 -10.62 -4.23 16.08
N GLU A 77 -10.89 -3.46 17.13
CA GLU A 77 -10.47 -2.06 17.18
C GLU A 77 -8.95 -1.88 17.25
N ASP A 78 -8.21 -2.95 17.56
CA ASP A 78 -6.74 -2.89 17.60
C ASP A 78 -6.12 -3.14 16.23
N ILE A 79 -6.91 -3.67 15.31
CA ILE A 79 -6.44 -4.01 13.97
C ILE A 79 -6.84 -2.94 12.97
N PHE A 80 -5.89 -2.56 12.10
CA PHE A 80 -6.15 -1.63 11.01
C PHE A 80 -6.04 -2.39 9.70
N TYR A 81 -7.18 -2.67 9.08
CA TYR A 81 -7.25 -3.49 7.88
C TYR A 81 -7.56 -2.64 6.66
N THR A 82 -6.72 -2.78 5.63
CA THR A 82 -6.90 -2.08 4.37
C THR A 82 -7.26 -3.02 3.23
N SER A 83 -8.24 -2.62 2.44
CA SER A 83 -8.42 -3.23 1.13
C SER A 83 -8.47 -2.13 0.08
N LYS A 84 -8.56 -2.55 -1.17
CA LYS A 84 -8.43 -1.65 -2.29
C LYS A 84 -9.40 -2.01 -3.40
N LEU A 85 -9.98 -0.96 -3.98
CA LEU A 85 -10.89 -1.01 -5.12
C LEU A 85 -10.09 -1.25 -6.38
N TRP A 86 -10.33 -2.37 -7.06
CA TRP A 86 -9.60 -2.66 -8.28
C TRP A 86 -10.11 -1.80 -9.45
N SER A 87 -9.26 -1.66 -10.47
CA SER A 87 -9.42 -0.65 -11.49
C SER A 87 -10.51 -0.93 -12.52
N THR A 88 -11.06 -2.14 -12.53
CA THR A 88 -12.22 -2.44 -13.34
C THR A 88 -13.51 -1.98 -12.67
N PHE A 89 -13.41 -1.43 -11.47
CA PHE A 89 -14.57 -1.00 -10.69
C PHE A 89 -14.56 0.49 -10.36
N HIS A 90 -13.90 1.30 -11.20
CA HIS A 90 -13.90 2.75 -11.00
C HIS A 90 -15.23 3.43 -11.28
N ARG A 91 -16.03 2.88 -12.18
CA ARG A 91 -17.33 3.51 -12.47
C ARG A 91 -18.12 3.56 -11.16
N PRO A 92 -18.74 4.71 -10.87
CA PRO A 92 -19.18 4.95 -9.49
C PRO A 92 -20.19 3.93 -8.96
N GLU A 93 -21.04 3.40 -9.83
CA GLU A 93 -22.02 2.39 -9.42
C GLU A 93 -21.39 1.05 -8.99
N LEU A 94 -20.11 0.86 -9.31
CA LEU A 94 -19.39 -0.39 -8.98
C LEU A 94 -18.61 -0.33 -7.69
N VAL A 95 -18.44 0.87 -7.15
CA VAL A 95 -17.53 1.08 -6.03
C VAL A 95 -18.02 0.41 -4.73
N ARG A 96 -19.24 0.72 -4.31
CA ARG A 96 -19.78 0.13 -3.09
C ARG A 96 -19.95 -1.41 -3.17
N PRO A 97 -20.51 -1.92 -4.27
CA PRO A 97 -20.54 -3.38 -4.42
C PRO A 97 -19.16 -4.06 -4.33
N ALA A 98 -18.14 -3.46 -4.92
CA ALA A 98 -16.77 -3.96 -4.80
C ALA A 98 -16.33 -4.04 -3.35
N LEU A 99 -16.61 -2.97 -2.60
CA LEU A 99 -16.25 -2.92 -1.18
C LEU A 99 -17.03 -3.97 -0.38
N GLU A 100 -18.33 -4.06 -0.61
CA GLU A 100 -19.17 -5.07 0.03
C GLU A 100 -18.66 -6.49 -0.23
N ASN A 101 -18.20 -6.74 -1.46
CA ASN A 101 -17.61 -8.04 -1.81
C ASN A 101 -16.33 -8.32 -1.00
N SER A 102 -15.45 -7.34 -0.90
CA SER A 102 -14.24 -7.47 -0.09
C SER A 102 -14.57 -7.76 1.38
N LEU A 103 -15.59 -7.09 1.89
CA LEU A 103 -16.03 -7.28 3.27
C LEU A 103 -16.57 -8.69 3.48
N LYS A 104 -17.35 -9.19 2.52
CA LYS A 104 -17.89 -10.56 2.57
C LYS A 104 -16.76 -11.61 2.50
N LYS A 105 -15.76 -11.37 1.65
CA LYS A 105 -14.62 -12.28 1.58
C LYS A 105 -13.86 -12.34 2.91
N ALA A 106 -13.57 -11.17 3.47
CA ALA A 106 -12.85 -11.08 4.75
C ALA A 106 -13.73 -11.41 5.96
N GLN A 107 -15.04 -11.43 5.77
CA GLN A 107 -16.02 -11.59 6.84
C GLN A 107 -15.81 -10.54 7.94
N LEU A 108 -15.65 -9.29 7.52
CA LEU A 108 -15.55 -8.14 8.42
C LEU A 108 -16.73 -7.19 8.20
N ASP A 109 -17.12 -6.46 9.25
CA ASP A 109 -18.20 -5.47 9.15
C ASP A 109 -17.76 -4.20 8.46
N TYR A 110 -16.47 -3.88 8.56
CA TYR A 110 -15.92 -2.69 7.95
C TYR A 110 -14.45 -2.90 7.67
N VAL A 111 -13.92 -2.09 6.75
CA VAL A 111 -12.48 -1.96 6.59
C VAL A 111 -12.05 -0.68 7.28
N ASP A 112 -10.84 -0.66 7.80
CA ASP A 112 -10.34 0.58 8.37
C ASP A 112 -10.00 1.56 7.26
N LEU A 113 -9.61 1.03 6.12
CA LEU A 113 -9.21 1.87 5.01
C LEU A 113 -9.56 1.22 3.69
N TYR A 114 -10.15 2.01 2.81
CA TYR A 114 -10.41 1.57 1.45
C TYR A 114 -9.72 2.53 0.51
N LEU A 115 -8.93 1.98 -0.41
CA LEU A 115 -8.21 2.80 -1.39
C LEU A 115 -8.65 2.58 -2.80
N ILE A 116 -8.61 3.63 -3.60
CA ILE A 116 -8.57 3.46 -5.05
C ILE A 116 -7.19 2.88 -5.34
N HIS A 117 -7.14 1.65 -5.85
CA HIS A 117 -5.87 0.94 -5.97
C HIS A 117 -4.90 1.64 -6.95
N SER A 118 -5.45 2.22 -8.00
CA SER A 118 -4.65 2.86 -9.03
C SER A 118 -5.51 3.86 -9.80
N PRO A 119 -4.90 4.93 -10.34
CA PRO A 119 -5.65 5.87 -11.17
C PRO A 119 -5.90 5.33 -12.60
N MET A 120 -5.31 4.20 -12.95
CA MET A 120 -5.42 3.65 -14.28
C MET A 120 -6.67 2.80 -14.46
N SER A 121 -7.77 3.43 -14.86
CA SER A 121 -9.05 2.72 -15.02
C SER A 121 -8.98 1.68 -16.12
N LEU A 122 -9.63 0.54 -15.91
CA LEU A 122 -9.61 -0.55 -16.89
C LEU A 122 -11.03 -0.88 -17.31
N LYS A 123 -11.14 -1.40 -18.52
CA LYS A 123 -12.42 -1.80 -19.12
C LYS A 123 -13.21 -2.64 -18.11
N PRO A 124 -14.46 -2.24 -17.82
CA PRO A 124 -15.30 -2.98 -16.89
C PRO A 124 -16.05 -4.15 -17.53
N GLY A 125 -16.55 -5.04 -16.68
CA GLY A 125 -17.50 -6.06 -17.10
C GLY A 125 -16.89 -7.21 -17.87
N GLU A 126 -15.57 -7.36 -17.78
CA GLU A 126 -14.89 -8.45 -18.46
C GLU A 126 -13.92 -9.10 -17.47
N GLU A 127 -12.67 -9.30 -17.87
CA GLU A 127 -11.66 -9.97 -17.03
C GLU A 127 -11.16 -9.07 -15.89
N LEU A 128 -10.41 -9.67 -14.96
CA LEU A 128 -9.78 -8.93 -13.87
C LEU A 128 -8.86 -7.82 -14.40
N SER A 129 -8.04 -8.18 -15.37
CA SER A 129 -7.11 -7.22 -16.01
C SER A 129 -7.19 -7.36 -17.53
N PRO A 130 -8.21 -6.74 -18.15
CA PRO A 130 -8.35 -6.87 -19.61
C PRO A 130 -7.13 -6.35 -20.36
N THR A 131 -6.59 -7.15 -21.26
CA THR A 131 -5.39 -6.77 -22.02
C THR A 131 -5.63 -6.95 -23.50
N ASP A 132 -5.03 -6.07 -24.30
CA ASP A 132 -5.19 -6.12 -25.75
C ASP A 132 -4.23 -7.14 -26.36
N GLU A 133 -4.24 -7.25 -27.69
CA GLU A 133 -3.39 -8.22 -28.41
C GLU A 133 -1.89 -8.06 -28.14
N ASN A 134 -1.46 -6.87 -27.76
CA ASN A 134 -0.06 -6.60 -27.43
C ASN A 134 0.27 -6.67 -25.93
N GLY A 135 -0.69 -7.09 -25.11
CA GLY A 135 -0.47 -7.22 -23.67
C GLY A 135 -0.60 -5.91 -22.89
N LYS A 136 -1.07 -4.85 -23.56
CA LYS A 136 -1.32 -3.57 -22.88
C LYS A 136 -2.68 -3.63 -22.22
N VAL A 137 -2.76 -3.19 -20.97
CA VAL A 137 -4.04 -3.18 -20.28
C VAL A 137 -5.02 -2.27 -21.04
N ILE A 138 -6.29 -2.67 -21.10
CA ILE A 138 -7.29 -1.93 -21.85
C ILE A 138 -7.92 -0.89 -20.98
N PHE A 139 -7.75 0.37 -21.35
CA PHE A 139 -8.16 1.46 -20.48
C PHE A 139 -9.65 1.74 -20.62
N ASP A 140 -10.17 2.44 -19.62
CA ASP A 140 -11.51 2.97 -19.61
C ASP A 140 -11.35 4.45 -19.26
N ILE A 141 -12.24 5.30 -19.74
CA ILE A 141 -12.23 6.72 -19.37
C ILE A 141 -13.26 6.94 -18.30
N VAL A 142 -12.80 7.21 -17.08
CA VAL A 142 -13.68 7.45 -15.96
C VAL A 142 -13.22 8.71 -15.25
N ASP A 143 -14.17 9.59 -14.97
CA ASP A 143 -13.90 10.73 -14.11
C ASP A 143 -13.70 10.22 -12.69
N LEU A 144 -12.45 10.23 -12.23
CA LEU A 144 -12.15 9.70 -10.88
C LEU A 144 -12.74 10.52 -9.74
N CYS A 145 -13.17 11.74 -10.00
N CYS A 145 -13.15 11.75 -10.02
CA CYS A 145 -13.91 12.49 -9.00
CA CYS A 145 -13.93 12.53 -9.07
C CYS A 145 -15.29 11.86 -8.73
C CYS A 145 -15.25 11.83 -8.73
N THR A 146 -15.87 11.19 -9.72
CA THR A 146 -17.11 10.44 -9.51
C THR A 146 -16.83 9.15 -8.72
N THR A 147 -15.71 8.50 -9.01
CA THR A 147 -15.27 7.36 -8.23
C THR A 147 -15.07 7.78 -6.77
N TRP A 148 -14.44 8.93 -6.57
CA TRP A 148 -14.21 9.45 -5.22
C TRP A 148 -15.51 9.74 -4.48
N GLU A 149 -16.48 10.34 -5.17
CA GLU A 149 -17.79 10.58 -4.55
C GLU A 149 -18.39 9.27 -4.03
N ALA A 150 -18.24 8.20 -4.80
CA ALA A 150 -18.75 6.88 -4.40
C ALA A 150 -17.97 6.35 -3.19
N MET A 151 -16.67 6.63 -3.15
CA MET A 151 -15.86 6.28 -1.98
C MET A 151 -16.34 7.01 -0.73
N GLU A 152 -16.65 8.30 -0.88
CA GLU A 152 -17.15 9.11 0.24
C GLU A 152 -18.44 8.52 0.81
N LYS A 153 -19.33 8.06 -0.07
CA LYS A 153 -20.57 7.40 0.37
C LYS A 153 -20.29 6.13 1.16
N CYS A 154 -19.24 5.39 0.80
CA CYS A 154 -18.81 4.22 1.57
C CYS A 154 -18.36 4.55 2.99
N LYS A 155 -17.66 5.68 3.13
CA LYS A 155 -17.31 6.18 4.46
C LYS A 155 -18.57 6.59 5.22
N ASP A 156 -19.47 7.32 4.57
CA ASP A 156 -20.69 7.75 5.25
C ASP A 156 -21.58 6.58 5.66
N ALA A 157 -21.52 5.48 4.91
CA ALA A 157 -22.28 4.28 5.25
C ALA A 157 -21.63 3.46 6.36
N GLY A 158 -20.37 3.73 6.68
CA GLY A 158 -19.65 2.99 7.72
C GLY A 158 -18.97 1.74 7.21
N LEU A 159 -18.94 1.55 5.90
CA LEU A 159 -18.26 0.39 5.31
C LEU A 159 -16.74 0.51 5.40
N ALA A 160 -16.25 1.74 5.32
CA ALA A 160 -14.83 2.06 5.48
C ALA A 160 -14.72 3.17 6.48
N LYS A 161 -13.87 3.01 7.49
CA LYS A 161 -13.63 4.09 8.45
C LYS A 161 -12.98 5.29 7.76
N SER A 162 -12.00 5.00 6.89
CA SER A 162 -11.25 6.01 6.15
C SER A 162 -11.13 5.60 4.70
N ILE A 163 -10.95 6.59 3.85
CA ILE A 163 -10.79 6.36 2.43
C ILE A 163 -9.55 7.11 1.94
N GLY A 164 -8.89 6.54 0.95
CA GLY A 164 -7.68 7.13 0.39
C GLY A 164 -7.43 6.66 -1.03
N VAL A 165 -6.22 6.91 -1.51
CA VAL A 165 -5.87 6.52 -2.87
C VAL A 165 -4.52 5.83 -2.86
N SER A 166 -4.16 5.28 -4.02
CA SER A 166 -2.91 4.58 -4.18
C SER A 166 -2.44 4.77 -5.61
N ASN A 167 -1.13 4.93 -5.76
CA ASN A 167 -0.50 5.15 -7.08
C ASN A 167 -0.91 6.44 -7.78
N PHE A 168 -1.38 7.42 -7.02
CA PHE A 168 -1.66 8.74 -7.59
C PHE A 168 -0.41 9.60 -7.60
N ASN A 169 -0.23 10.37 -8.67
CA ASN A 169 0.79 11.42 -8.68
C ASN A 169 0.17 12.72 -8.17
N ARG A 170 0.97 13.79 -8.09
CA ARG A 170 0.49 15.02 -7.47
C ARG A 170 -0.71 15.60 -8.22
N ARG A 171 -0.64 15.65 -9.54
CA ARG A 171 -1.73 16.18 -10.33
C ARG A 171 -3.02 15.38 -10.11
N GLN A 172 -2.90 14.06 -10.04
CA GLN A 172 -4.07 13.20 -9.83
C GLN A 172 -4.69 13.43 -8.46
N LEU A 173 -3.84 13.61 -7.43
CA LEU A 173 -4.33 13.99 -6.11
C LEU A 173 -5.05 15.34 -6.16
N GLU A 174 -4.42 16.32 -6.83
CA GLU A 174 -5.00 17.67 -6.94
C GLU A 174 -6.37 17.65 -7.57
N MET A 175 -6.57 16.77 -8.54
CA MET A 175 -7.87 16.61 -9.16
C MET A 175 -8.94 16.29 -8.10
N ILE A 176 -8.63 15.41 -7.15
CA ILE A 176 -9.57 15.08 -6.08
C ILE A 176 -9.68 16.25 -5.09
N LEU A 177 -8.54 16.79 -4.68
CA LEU A 177 -8.52 17.85 -3.68
C LEU A 177 -9.25 19.09 -4.15
N ASN A 178 -9.25 19.33 -5.46
CA ASN A 178 -9.91 20.50 -6.03
C ASN A 178 -11.36 20.27 -6.47
N LYS A 179 -11.87 19.07 -6.25
CA LYS A 179 -13.22 18.73 -6.70
C LYS A 179 -14.26 19.60 -6.04
N PRO A 180 -15.14 20.23 -6.83
CA PRO A 180 -16.25 20.95 -6.20
C PRO A 180 -17.07 20.05 -5.31
N GLY A 181 -17.43 20.54 -4.13
CA GLY A 181 -18.26 19.78 -3.21
C GLY A 181 -17.56 18.65 -2.47
N LEU A 182 -16.24 18.57 -2.55
CA LEU A 182 -15.48 17.54 -1.85
C LEU A 182 -15.92 17.45 -0.38
N LYS A 183 -16.15 16.22 0.09
CA LYS A 183 -16.53 16.00 1.48
C LYS A 183 -15.39 15.50 2.35
N TYR A 184 -14.63 14.55 1.81
CA TYR A 184 -13.54 13.95 2.54
C TYR A 184 -12.30 13.97 1.67
N LYS A 185 -11.21 14.54 2.16
CA LYS A 185 -9.91 14.37 1.50
C LYS A 185 -9.46 12.92 1.61
N PRO A 186 -8.63 12.46 0.66
CA PRO A 186 -7.98 11.16 0.87
C PRO A 186 -7.14 11.23 2.14
N VAL A 187 -7.19 10.21 2.99
CA VAL A 187 -6.32 10.20 4.19
C VAL A 187 -4.88 9.88 3.86
N CYS A 188 -4.67 9.22 2.73
CA CYS A 188 -3.35 8.75 2.34
C CYS A 188 -3.23 8.58 0.84
N ASN A 189 -1.98 8.45 0.41
CA ASN A 189 -1.62 8.03 -0.94
C ASN A 189 -0.58 6.95 -0.79
N GLN A 190 -0.95 5.71 -1.10
CA GLN A 190 -0.05 4.57 -0.97
C GLN A 190 0.71 4.40 -2.30
N VAL A 191 2.03 4.58 -2.25
CA VAL A 191 2.82 4.64 -3.48
C VAL A 191 4.12 3.86 -3.33
N GLU A 192 4.73 3.52 -4.46
CA GLU A 192 6.05 2.90 -4.43
C GLU A 192 7.04 3.92 -3.85
N CYS A 193 7.79 3.50 -2.82
CA CYS A 193 8.64 4.44 -2.13
C CYS A 193 9.70 3.69 -1.34
N HIS A 194 10.97 4.01 -1.60
CA HIS A 194 12.13 3.32 -1.03
C HIS A 194 13.34 4.20 -1.39
N PRO A 195 14.54 3.87 -0.87
CA PRO A 195 15.67 4.75 -1.12
C PRO A 195 16.10 4.95 -2.58
N TYR A 196 15.72 4.05 -3.50
CA TYR A 196 15.98 4.32 -4.91
C TYR A 196 14.89 5.15 -5.61
N PHE A 197 13.80 5.43 -4.92
CA PHE A 197 12.65 6.16 -5.49
C PHE A 197 11.92 6.77 -4.29
N ASN A 198 12.49 7.83 -3.73
CA ASN A 198 12.09 8.23 -2.37
C ASN A 198 10.89 9.18 -2.36
N ARG A 199 10.51 9.68 -3.53
CA ARG A 199 9.27 10.46 -3.69
C ARG A 199 9.28 11.73 -2.84
N SER A 200 10.45 12.35 -2.66
CA SER A 200 10.56 13.46 -1.71
C SER A 200 9.60 14.60 -2.06
N LYS A 201 9.50 14.97 -3.34
CA LYS A 201 8.62 16.09 -3.71
C LYS A 201 7.14 15.74 -3.53
N LEU A 202 6.74 14.52 -3.88
CA LEU A 202 5.38 14.07 -3.64
C LEU A 202 5.09 14.01 -2.14
N LEU A 203 6.07 13.56 -1.35
CA LEU A 203 5.92 13.51 0.11
C LEU A 203 5.70 14.92 0.67
N ASP A 204 6.49 15.88 0.19
CA ASP A 204 6.31 17.27 0.61
C ASP A 204 4.90 17.78 0.30
N PHE A 205 4.40 17.44 -0.88
CA PHE A 205 3.06 17.87 -1.25
C PHE A 205 2.03 17.22 -0.32
N CYS A 206 2.15 15.92 -0.10
CA CYS A 206 1.22 15.21 0.80
C CYS A 206 1.25 15.80 2.22
N LYS A 207 2.45 16.02 2.74
CA LYS A 207 2.60 16.68 4.06
C LYS A 207 1.85 18.02 4.07
N SER A 208 1.97 18.79 2.99
CA SER A 208 1.33 20.12 2.91
C SER A 208 -0.20 20.06 2.92
N LYS A 209 -0.76 18.89 2.61
CA LYS A 209 -2.19 18.71 2.58
C LYS A 209 -2.69 17.78 3.70
N ASP A 210 -1.83 17.46 4.66
CA ASP A 210 -2.11 16.44 5.68
C ASP A 210 -2.64 15.15 5.10
N ILE A 211 -1.97 14.66 4.05
CA ILE A 211 -2.22 13.34 3.49
C ILE A 211 -0.99 12.49 3.82
N VAL A 212 -1.22 11.32 4.37
CA VAL A 212 -0.13 10.40 4.71
C VAL A 212 0.40 9.70 3.47
N LEU A 213 1.71 9.70 3.27
CA LEU A 213 2.30 8.86 2.22
CA LEU A 213 2.30 8.86 2.22
C LEU A 213 2.55 7.49 2.84
N VAL A 214 2.04 6.44 2.18
CA VAL A 214 2.27 5.06 2.62
C VAL A 214 3.15 4.38 1.60
N ALA A 215 4.30 3.88 2.06
CA ALA A 215 5.29 3.28 1.17
C ALA A 215 5.09 1.79 0.97
N TYR A 216 4.95 1.37 -0.29
CA TYR A 216 5.10 -0.02 -0.68
C TYR A 216 6.38 -0.26 -1.44
N SER A 217 6.73 -1.54 -1.55
CA SER A 217 8.04 -1.94 -2.09
C SER A 217 9.18 -1.23 -1.34
N ALA A 218 8.94 -1.00 -0.05
CA ALA A 218 9.89 -0.29 0.82
C ALA A 218 11.17 -1.09 1.03
N LEU A 219 11.10 -2.39 0.79
CA LEU A 219 12.26 -3.27 0.88
C LEU A 219 12.77 -3.67 -0.51
N GLY A 220 12.33 -2.97 -1.56
CA GLY A 220 12.84 -3.16 -2.91
C GLY A 220 11.99 -4.02 -3.80
N SER A 221 10.78 -4.34 -3.35
CA SER A 221 9.81 -5.16 -4.09
C SER A 221 10.14 -6.65 -4.09
N GLN A 222 9.16 -7.43 -4.54
CA GLN A 222 9.36 -8.86 -4.71
C GLN A 222 10.02 -9.22 -6.04
N ARG A 223 10.35 -8.21 -6.84
CA ARG A 223 11.07 -8.37 -8.10
C ARG A 223 10.37 -9.39 -8.99
N ASP A 224 9.05 -9.29 -9.06
CA ASP A 224 8.25 -10.20 -9.85
C ASP A 224 8.61 -10.07 -11.32
N LYS A 225 8.89 -11.20 -11.96
CA LYS A 225 9.33 -11.22 -13.35
C LYS A 225 8.31 -10.65 -14.34
N ARG A 226 7.05 -10.57 -13.95
CA ARG A 226 6.03 -9.98 -14.81
C ARG A 226 6.24 -8.48 -15.02
N TRP A 227 6.80 -7.81 -14.02
CA TRP A 227 6.81 -6.34 -14.02
C TRP A 227 8.17 -5.70 -13.74
N VAL A 228 9.12 -6.47 -13.20
CA VAL A 228 10.35 -5.89 -12.70
C VAL A 228 11.55 -6.41 -13.47
N ASP A 229 12.38 -5.49 -13.94
CA ASP A 229 13.62 -5.84 -14.62
C ASP A 229 14.60 -6.50 -13.66
N PRO A 230 15.00 -7.75 -13.94
CA PRO A 230 15.98 -8.37 -13.01
C PRO A 230 17.35 -7.69 -13.00
N ASN A 231 17.64 -6.87 -14.01
CA ASN A 231 18.85 -6.04 -13.98
C ASN A 231 18.82 -4.92 -12.96
N SER A 232 17.64 -4.56 -12.48
CA SER A 232 17.52 -3.46 -11.54
C SER A 232 18.33 -3.79 -10.27
N PRO A 233 18.93 -2.75 -9.65
CA PRO A 233 19.71 -2.96 -8.42
C PRO A 233 18.84 -3.56 -7.32
N VAL A 234 19.40 -4.50 -6.57
CA VAL A 234 18.70 -5.13 -5.47
C VAL A 234 18.85 -4.23 -4.26
N LEU A 235 17.74 -3.63 -3.82
CA LEU A 235 17.80 -2.66 -2.75
C LEU A 235 18.51 -3.18 -1.51
N LEU A 236 18.17 -4.39 -1.07
CA LEU A 236 18.70 -4.90 0.20
C LEU A 236 20.16 -5.36 0.11
N GLU A 237 20.76 -5.25 -1.07
CA GLU A 237 22.20 -5.45 -1.28
C GLU A 237 22.93 -4.11 -1.48
N ASP A 238 22.24 -2.99 -1.26
CA ASP A 238 22.84 -1.70 -1.48
C ASP A 238 24.03 -1.48 -0.53
N PRO A 239 25.16 -0.97 -1.05
CA PRO A 239 26.33 -0.81 -0.18
C PRO A 239 26.19 0.21 0.94
N VAL A 240 25.44 1.29 0.71
CA VAL A 240 25.19 2.26 1.77
C VAL A 240 24.26 1.66 2.83
N LEU A 241 23.17 1.00 2.43
CA LEU A 241 22.31 0.35 3.41
C LEU A 241 23.07 -0.70 4.19
N CYS A 242 23.96 -1.42 3.53
CA CYS A 242 24.77 -2.43 4.19
C CYS A 242 25.73 -1.79 5.18
N ALA A 243 26.35 -0.67 4.79
CA ALA A 243 27.25 0.02 5.71
C ALA A 243 26.51 0.56 6.93
N LEU A 244 25.30 1.07 6.72
CA LEU A 244 24.48 1.57 7.84
C LEU A 244 24.03 0.42 8.73
N ALA A 245 23.71 -0.72 8.12
CA ALA A 245 23.29 -1.90 8.89
C ALA A 245 24.44 -2.35 9.79
N LYS A 246 25.66 -2.31 9.27
CA LYS A 246 26.83 -2.69 10.07
C LYS A 246 27.08 -1.70 11.19
N LYS A 247 26.92 -0.41 10.89
CA LYS A 247 27.10 0.65 11.89
C LYS A 247 26.17 0.45 13.08
N HIS A 248 24.92 0.15 12.77
CA HIS A 248 23.88 0.06 13.78
C HIS A 248 23.68 -1.36 14.27
N LYS A 249 24.39 -2.32 13.67
CA LYS A 249 24.23 -3.74 13.99
C LYS A 249 22.76 -4.14 13.85
N ARG A 250 22.22 -3.78 12.69
CA ARG A 250 20.87 -4.12 12.29
C ARG A 250 20.98 -4.78 10.91
N THR A 251 19.98 -4.64 10.07
CA THR A 251 19.99 -5.24 8.73
C THR A 251 19.61 -4.18 7.72
N PRO A 252 19.97 -4.38 6.45
CA PRO A 252 19.55 -3.44 5.42
C PRO A 252 18.05 -3.21 5.39
N ALA A 253 17.26 -4.27 5.53
CA ALA A 253 15.81 -4.11 5.62
C ALA A 253 15.37 -3.16 6.73
N LEU A 254 15.94 -3.34 7.91
CA LEU A 254 15.58 -2.49 9.05
C LEU A 254 15.99 -1.03 8.82
N ILE A 255 17.14 -0.82 8.19
CA ILE A 255 17.54 0.53 7.80
C ILE A 255 16.52 1.15 6.85
N ALA A 256 16.11 0.38 5.83
CA ALA A 256 15.17 0.89 4.83
C ALA A 256 13.82 1.21 5.45
N LEU A 257 13.37 0.42 6.43
CA LEU A 257 12.09 0.70 7.08
C LEU A 257 12.21 1.93 7.98
N ARG A 258 13.31 2.01 8.73
CA ARG A 258 13.46 3.08 9.68
C ARG A 258 13.56 4.45 8.97
N TYR A 259 14.24 4.46 7.84
CA TYR A 259 14.32 5.63 6.97
C TYR A 259 12.95 6.23 6.73
N GLN A 260 11.97 5.39 6.41
CA GLN A 260 10.65 5.89 6.09
C GLN A 260 9.97 6.47 7.32
N LEU A 261 10.08 5.78 8.44
CA LEU A 261 9.45 6.27 9.65
C LEU A 261 9.98 7.66 10.02
N GLN A 262 11.28 7.86 9.86
CA GLN A 262 11.88 9.15 10.23
C GLN A 262 11.54 10.29 9.26
N ARG A 263 11.05 9.97 8.07
CA ARG A 263 10.59 11.00 7.13
CA ARG A 263 10.60 10.98 7.12
C ARG A 263 9.10 11.23 7.25
N GLY A 264 8.44 10.55 8.18
CA GLY A 264 6.99 10.69 8.35
C GLY A 264 6.18 9.89 7.37
N VAL A 265 6.78 8.83 6.81
CA VAL A 265 6.10 7.94 5.88
C VAL A 265 5.66 6.70 6.64
N VAL A 266 4.41 6.28 6.44
CA VAL A 266 3.95 5.01 6.98
C VAL A 266 4.47 3.92 6.05
N VAL A 267 5.02 2.86 6.62
CA VAL A 267 5.76 1.91 5.81
C VAL A 267 5.17 0.50 5.89
N LEU A 268 4.95 -0.12 4.73
CA LEU A 268 4.57 -1.54 4.67
C LEU A 268 5.81 -2.40 4.53
N ALA A 269 5.70 -3.65 4.96
CA ALA A 269 6.75 -4.64 4.79
C ALA A 269 6.07 -5.99 4.58
N LYS A 270 6.29 -6.59 3.40
CA LYS A 270 5.84 -7.97 3.17
C LYS A 270 6.94 -8.94 3.55
N SER A 271 6.58 -9.94 4.34
CA SER A 271 7.42 -11.13 4.47
C SER A 271 6.52 -12.32 4.73
N TYR A 272 6.86 -13.45 4.11
CA TYR A 272 6.19 -14.72 4.36
C TYR A 272 7.12 -15.66 5.14
N ASN A 273 8.17 -15.10 5.73
CA ASN A 273 9.17 -15.84 6.51
C ASN A 273 9.07 -15.47 7.98
N GLU A 274 8.94 -16.47 8.85
CA GLU A 274 8.71 -16.21 10.28
C GLU A 274 9.77 -15.32 10.91
N GLN A 275 11.04 -15.60 10.62
CA GLN A 275 12.13 -14.82 11.19
C GLN A 275 12.11 -13.37 10.74
N ARG A 276 11.91 -13.15 9.45
CA ARG A 276 11.90 -11.78 8.93
C ARG A 276 10.68 -10.99 9.38
N ILE A 277 9.53 -11.67 9.48
CA ILE A 277 8.34 -11.02 10.04
C ILE A 277 8.65 -10.49 11.44
N ARG A 278 9.29 -11.31 12.26
CA ARG A 278 9.63 -10.91 13.61
C ARG A 278 10.73 -9.84 13.63
N GLN A 279 11.67 -9.94 12.70
CA GLN A 279 12.72 -8.93 12.60
C GLN A 279 12.16 -7.54 12.27
N ASN A 280 11.17 -7.48 11.38
CA ASN A 280 10.76 -6.18 10.87
C ASN A 280 10.16 -5.27 11.93
N VAL A 281 9.57 -5.85 12.96
CA VAL A 281 9.03 -5.04 14.08
C VAL A 281 10.12 -4.35 14.91
N GLN A 282 11.37 -4.76 14.71
CA GLN A 282 12.48 -4.12 15.41
C GLN A 282 12.76 -2.72 14.90
N VAL A 283 12.08 -2.32 13.84
CA VAL A 283 12.20 -0.95 13.33
C VAL A 283 11.97 0.11 14.41
N PHE A 284 11.17 -0.23 15.42
CA PHE A 284 10.89 0.70 16.52
C PHE A 284 11.99 0.77 17.58
N GLU A 285 13.05 -0.04 17.43
CA GLU A 285 14.00 -0.24 18.52
C GLU A 285 15.28 0.57 18.38
N PHE A 286 15.45 1.26 17.24
CA PHE A 286 16.64 2.07 17.03
C PHE A 286 16.30 3.27 16.19
N GLN A 287 17.26 4.18 16.06
CA GLN A 287 17.08 5.28 15.16
C GLN A 287 18.34 5.62 14.38
N LEU A 288 18.12 6.41 13.33
CA LEU A 288 19.17 6.84 12.43
C LEU A 288 19.47 8.30 12.72
N THR A 289 20.72 8.70 12.52
CA THR A 289 21.09 10.10 12.71
C THR A 289 20.79 10.91 11.44
N ALA A 290 20.95 12.23 11.54
CA ALA A 290 20.74 13.11 10.37
C ALA A 290 21.69 12.73 9.24
N GLU A 291 22.95 12.46 9.58
CA GLU A 291 23.93 12.07 8.56
C GLU A 291 23.55 10.73 7.90
N ASP A 292 23.03 9.78 8.68
CA ASP A 292 22.56 8.51 8.12
C ASP A 292 21.44 8.79 7.12
N MET A 293 20.50 9.64 7.51
CA MET A 293 19.35 9.95 6.68
C MET A 293 19.81 10.61 5.39
N LYS A 294 20.80 11.49 5.48
CA LYS A 294 21.32 12.17 4.29
C LYS A 294 21.98 11.16 3.35
N ALA A 295 22.71 10.22 3.92
CA ALA A 295 23.32 9.15 3.12
C ALA A 295 22.27 8.36 2.35
N ILE A 296 21.16 8.06 3.01
CA ILE A 296 20.10 7.29 2.36
C ILE A 296 19.39 8.14 1.30
N ASP A 297 19.16 9.42 1.61
CA ASP A 297 18.59 10.35 0.63
C ASP A 297 19.43 10.43 -0.63
N GLY A 298 20.74 10.21 -0.50
CA GLY A 298 21.62 10.25 -1.65
C GLY A 298 21.46 9.10 -2.62
N LEU A 299 20.71 8.07 -2.24
CA LEU A 299 20.52 6.88 -3.09
C LEU A 299 19.44 7.07 -4.16
N ASP A 300 18.66 8.13 -4.07
CA ASP A 300 17.52 8.33 -4.99
C ASP A 300 17.97 8.29 -6.47
N ARG A 301 17.30 7.49 -7.28
CA ARG A 301 17.66 7.35 -8.69
C ARG A 301 16.47 7.08 -9.60
N ASN A 302 15.30 7.57 -9.19
CA ASN A 302 14.10 7.52 -10.04
C ASN A 302 13.75 6.10 -10.47
N LEU A 303 13.98 5.13 -9.58
CA LEU A 303 13.77 3.71 -9.90
C LEU A 303 12.45 3.17 -9.36
N HIS A 304 11.45 3.14 -10.22
CA HIS A 304 10.24 2.38 -9.90
C HIS A 304 10.43 0.96 -10.39
N TYR A 305 10.44 0.02 -9.45
CA TYR A 305 10.62 -1.36 -9.79
C TYR A 305 9.54 -1.88 -10.73
N PHE A 306 8.30 -1.43 -10.52
CA PHE A 306 7.22 -1.79 -11.43
C PHE A 306 7.37 -0.95 -12.68
N ASN A 307 7.82 -1.59 -13.75
CA ASN A 307 8.23 -0.89 -14.94
C ASN A 307 7.96 -1.73 -16.20
N SER A 308 6.72 -1.71 -16.66
CA SER A 308 6.27 -2.61 -17.69
C SER A 308 5.49 -1.94 -18.81
N ASP A 309 5.75 -2.41 -20.02
CA ASP A 309 4.95 -2.10 -21.22
C ASP A 309 3.45 -2.26 -21.01
N SER A 310 3.05 -3.19 -20.14
N SER A 310 3.06 -3.19 -20.15
CA SER A 310 1.63 -3.47 -19.94
CA SER A 310 1.66 -3.48 -19.90
C SER A 310 0.89 -2.29 -19.32
C SER A 310 0.91 -2.26 -19.38
N PHE A 311 1.62 -1.45 -18.59
CA PHE A 311 1.06 -0.27 -17.93
C PHE A 311 1.48 1.09 -18.50
N ALA A 312 2.67 1.15 -19.10
CA ALA A 312 3.31 2.44 -19.36
C ALA A 312 2.63 3.28 -20.42
N SER A 313 1.76 2.68 -21.24
CA SER A 313 1.02 3.43 -22.26
C SER A 313 -0.35 3.85 -21.80
N HIS A 314 -0.73 3.48 -20.58
CA HIS A 314 -2.07 3.81 -20.10
C HIS A 314 -2.17 5.34 -20.01
N PRO A 315 -3.30 5.92 -20.48
CA PRO A 315 -3.44 7.37 -20.49
C PRO A 315 -3.29 8.07 -19.12
N ASN A 316 -3.57 7.36 -18.04
CA ASN A 316 -3.38 7.87 -16.68
C ASN A 316 -2.25 7.18 -15.87
N TYR A 317 -1.32 6.57 -16.58
CA TYR A 317 -0.09 6.06 -15.95
C TYR A 317 0.51 7.17 -15.07
N PRO A 318 0.72 6.89 -13.79
CA PRO A 318 1.14 7.99 -12.91
C PRO A 318 2.56 8.46 -13.12
N TYR A 319 3.42 7.61 -13.69
CA TYR A 319 4.83 7.95 -13.83
C TYR A 319 5.09 8.76 -15.12
N SER A 320 4.04 9.03 -15.88
CA SER A 320 4.10 10.02 -16.96
C SER A 320 4.58 11.39 -16.46
N ASP A 321 4.31 11.71 -15.20
CA ASP A 321 4.75 12.97 -14.61
C ASP A 321 6.04 12.79 -13.83
#